data_1ZML
#
_entry.id   1ZML
#
_cell.length_a   121.291
_cell.length_b   121.291
_cell.length_c   121.291
_cell.angle_alpha   90.00
_cell.angle_beta   90.00
_cell.angle_gamma   90.00
#
_symmetry.space_group_name_H-M   'I 2 3'
#
loop_
_entity.id
_entity.type
_entity.pdbx_description
1 polymer 'Coagulation factor XI'
2 non-polymer 'SULFATE ION'
3 non-polymer 'BICARBONATE ION'
4 non-polymer (R)-1-(4-(4-(HYDROXYMETHYL)-1,3,2-DIOXABOROLAN-2-YL)PHENETHYL)GUANIDINE
5 water water
#
_entity_poly.entity_id   1
_entity_poly.type   'polypeptide(L)'
_entity_poly.pdbx_seq_one_letter_code
;IVGGTASVRGEWPWQVTLHTTSPTQRHLCGGSIIGNQWILTAAHCFYGVESPKILRVYSGILNQAEIAEDTSFFGVQEII
IHDQYKMAESGYDIALLKLETTVNYADSQRPISLPSKGDRNVIYTDCWVTGWGYRKLRDKIQNTLQKAKIPLVTNEECQK
RYRGHKITHKMICAGYREGGKDACKGDSGGPLSCKHNEVWHLVGITSWGEGCAQRERPGVYTNVVEYVDWILEKTQAV
;
_entity_poly.pdbx_strand_id   A
#
loop_
_chem_comp.id
_chem_comp.type
_chem_comp.name
_chem_comp.formula
412 non-polymer (R)-1-(4-(4-(HYDROXYMETHYL)-1,3,2-DIOXABOROLAN-2-YL)PHENETHYL)GUANIDINE 'C12 H18 B N3 O3'
BCT non-polymer 'BICARBONATE ION' 'C H O3 -1'
SO4 non-polymer 'SULFATE ION' 'O4 S -2'
#
# COMPACT_ATOMS: atom_id res chain seq x y z
N ILE A 1 -7.54 8.29 2.05
CA ILE A 1 -7.42 8.88 0.68
C ILE A 1 -8.10 10.23 0.62
N VAL A 2 -7.38 11.24 0.14
CA VAL A 2 -7.95 12.57 0.01
C VAL A 2 -8.44 12.79 -1.42
N GLY A 3 -9.58 13.46 -1.55
CA GLY A 3 -10.14 13.76 -2.86
C GLY A 3 -10.52 12.56 -3.71
N GLY A 4 -10.82 11.44 -3.07
CA GLY A 4 -11.20 10.26 -3.83
C GLY A 4 -12.69 10.00 -3.74
N THR A 5 -13.10 8.81 -4.13
CA THR A 5 -14.51 8.43 -4.08
C THR A 5 -14.60 6.97 -3.64
N ALA A 6 -15.81 6.53 -3.37
CA ALA A 6 -16.07 5.17 -2.95
C ALA A 6 -15.77 4.18 -4.07
N SER A 7 -15.05 3.12 -3.76
CA SER A 7 -14.73 2.12 -4.75
C SER A 7 -15.91 1.14 -4.91
N VAL A 8 -15.94 0.43 -6.04
CA VAL A 8 -16.97 -0.56 -6.26
C VAL A 8 -16.46 -1.84 -5.61
N ARG A 9 -17.37 -2.62 -5.02
CA ARG A 9 -16.97 -3.86 -4.39
C ARG A 9 -16.19 -4.75 -5.36
N GLY A 10 -15.10 -5.34 -4.88
CA GLY A 10 -14.30 -6.20 -5.73
C GLY A 10 -13.49 -5.51 -6.81
N GLU A 11 -13.54 -4.19 -6.83
CA GLU A 11 -12.82 -3.40 -7.82
C GLU A 11 -11.29 -3.43 -7.62
N TRP A 12 -10.86 -3.69 -6.39
CA TRP A 12 -9.44 -3.77 -6.07
C TRP A 12 -9.24 -5.01 -5.22
N PRO A 13 -9.47 -6.19 -5.81
CA PRO A 13 -9.35 -7.50 -5.16
C PRO A 13 -8.04 -7.83 -4.43
N TRP A 14 -6.97 -7.13 -4.75
CA TRP A 14 -5.69 -7.38 -4.10
C TRP A 14 -5.50 -6.55 -2.82
N GLN A 15 -6.38 -5.59 -2.61
CA GLN A 15 -6.32 -4.73 -1.43
C GLN A 15 -6.82 -5.43 -0.18
N VAL A 16 -6.03 -5.40 0.88
CA VAL A 16 -6.45 -5.99 2.14
C VAL A 16 -6.38 -4.91 3.21
N THR A 17 -7.07 -5.12 4.32
CA THR A 17 -7.00 -4.19 5.42
C THR A 17 -6.33 -4.96 6.54
N LEU A 18 -5.24 -4.41 7.05
CA LEU A 18 -4.49 -5.06 8.11
C LEU A 18 -4.89 -4.43 9.45
N HIS A 19 -5.37 -5.27 10.36
CA HIS A 19 -5.79 -4.79 11.66
C HIS A 19 -4.85 -5.24 12.76
N THR A 20 -4.92 -4.55 13.89
CA THR A 20 -4.15 -4.93 15.07
C THR A 20 -5.24 -5.12 16.12
N THR A 21 -5.03 -6.05 17.04
CA THR A 21 -6.04 -6.29 18.06
C THR A 21 -5.71 -5.59 19.38
N SER A 22 -4.56 -4.93 19.43
CA SER A 22 -4.15 -4.27 20.66
C SER A 22 -4.12 -2.75 20.55
N PRO A 23 -4.73 -2.05 21.53
CA PRO A 23 -5.42 -2.64 22.69
C PRO A 23 -6.74 -3.29 22.30
N THR A 24 -7.49 -2.64 21.41
CA THR A 24 -8.75 -3.18 20.89
C THR A 24 -8.58 -3.14 19.38
N GLN A 25 -9.30 -3.99 18.66
CA GLN A 25 -9.15 -4.07 17.21
C GLN A 25 -9.42 -2.80 16.41
N ARG A 26 -8.54 -2.52 15.45
CA ARG A 26 -8.67 -1.36 14.58
C ARG A 26 -7.82 -1.54 13.33
N HIS A 27 -8.18 -0.80 12.28
CA HIS A 27 -7.45 -0.84 11.03
C HIS A 27 -6.08 -0.21 11.29
N LEU A 28 -5.03 -0.85 10.80
CA LEU A 28 -3.69 -0.34 11.00
C LEU A 28 -3.11 0.16 9.68
N CYS A 29 -3.15 -0.68 8.67
CA CYS A 29 -2.58 -0.35 7.38
C CYS A 29 -3.24 -1.07 6.22
N GLY A 30 -2.85 -0.69 5.01
CA GLY A 30 -3.35 -1.35 3.82
C GLY A 30 -2.25 -2.32 3.40
N GLY A 31 -2.52 -3.12 2.37
CA GLY A 31 -1.54 -4.09 1.90
C GLY A 31 -2.05 -4.70 0.62
N SER A 32 -1.21 -5.51 -0.05
CA SER A 32 -1.59 -6.14 -1.31
C SER A 32 -1.28 -7.62 -1.38
N ILE A 33 -2.25 -8.40 -1.86
CA ILE A 33 -2.08 -9.83 -2.04
C ILE A 33 -1.20 -10.04 -3.26
N ILE A 34 -0.03 -10.65 -3.09
CA ILE A 34 0.86 -10.90 -4.23
C ILE A 34 1.10 -12.39 -4.41
N GLY A 35 0.67 -13.18 -3.44
CA GLY A 35 0.83 -14.61 -3.48
C GLY A 35 -0.21 -15.28 -2.58
N ASN A 36 -0.41 -16.58 -2.74
CA ASN A 36 -1.41 -17.30 -1.94
C ASN A 36 -1.23 -17.12 -0.44
N GLN A 37 0.00 -16.92 0.03
CA GLN A 37 0.21 -16.72 1.46
C GLN A 37 1.07 -15.49 1.73
N TRP A 38 1.05 -14.54 0.80
CA TRP A 38 1.86 -13.33 0.95
C TRP A 38 1.20 -11.98 0.74
N ILE A 39 1.41 -11.10 1.72
CA ILE A 39 0.89 -9.76 1.65
C ILE A 39 2.08 -8.82 1.57
N LEU A 40 2.08 -7.91 0.60
CA LEU A 40 3.16 -6.94 0.47
C LEU A 40 2.62 -5.65 1.08
N THR A 41 3.34 -5.08 2.03
CA THR A 41 2.90 -3.86 2.70
C THR A 41 4.10 -2.97 3.07
N ALA A 42 3.89 -1.97 3.91
CA ALA A 42 4.99 -1.08 4.29
C ALA A 42 5.61 -1.46 5.63
N ALA A 43 6.94 -1.37 5.68
CA ALA A 43 7.67 -1.70 6.89
C ALA A 43 7.37 -0.80 8.07
N HIS A 44 7.21 0.49 7.83
CA HIS A 44 6.98 1.42 8.93
C HIS A 44 5.59 1.19 9.53
N CYS A 45 4.84 0.26 8.98
CA CYS A 45 3.49 -0.01 9.46
C CYS A 45 3.53 -0.95 10.67
N PHE A 46 4.72 -1.40 11.02
CA PHE A 46 4.88 -2.31 12.15
C PHE A 46 5.67 -1.69 13.28
N TYR A 47 5.53 -0.38 13.44
CA TYR A 47 6.22 0.32 14.51
C TYR A 47 5.52 0.07 15.86
N GLY A 48 6.23 -0.55 16.78
CA GLY A 48 5.65 -0.86 18.08
C GLY A 48 5.08 -2.26 18.10
N VAL A 49 5.08 -2.92 16.95
CA VAL A 49 4.57 -4.27 16.84
C VAL A 49 5.67 -5.29 17.14
N GLU A 50 5.52 -6.04 18.22
CA GLU A 50 6.56 -7.00 18.60
C GLU A 50 6.18 -8.45 18.35
N SER A 51 5.00 -8.65 17.80
CA SER A 51 4.52 -9.99 17.53
C SER A 51 3.48 -10.03 16.43
N PRO A 52 3.51 -11.06 15.57
CA PRO A 52 2.54 -11.17 14.49
C PRO A 52 1.18 -11.56 15.05
N LYS A 53 1.19 -12.06 16.28
CA LYS A 53 -0.02 -12.52 16.97
C LYS A 53 -1.16 -11.53 17.13
N ILE A 54 -0.85 -10.24 17.13
CA ILE A 54 -1.89 -9.23 17.28
C ILE A 54 -2.37 -8.73 15.92
N LEU A 55 -1.87 -9.36 14.85
CA LEU A 55 -2.25 -8.95 13.50
C LEU A 55 -3.34 -9.82 12.89
N ARG A 56 -4.17 -9.17 12.07
CA ARG A 56 -5.26 -9.85 11.37
C ARG A 56 -5.39 -9.22 10.00
N VAL A 57 -5.32 -10.06 8.96
CA VAL A 57 -5.45 -9.58 7.59
C VAL A 57 -6.83 -9.96 7.07
N TYR A 58 -7.57 -8.98 6.58
CA TYR A 58 -8.89 -9.22 6.03
C TYR A 58 -8.86 -8.92 4.54
N SER A 59 -9.36 -9.85 3.74
CA SER A 59 -9.39 -9.73 2.29
C SER A 59 -10.83 -9.69 1.81
N GLY A 60 -11.04 -9.23 0.58
CA GLY A 60 -12.39 -9.17 0.05
C GLY A 60 -13.30 -8.23 0.83
N ILE A 61 -12.71 -7.19 1.41
CA ILE A 61 -13.46 -6.21 2.20
C ILE A 61 -13.65 -4.91 1.43
N LEU A 62 -14.85 -4.35 1.50
CA LEU A 62 -15.14 -3.06 0.87
C LEU A 62 -15.37 -2.07 2.01
N ASN A 63 -16.28 -2.41 2.91
CA ASN A 63 -16.61 -1.57 4.06
C ASN A 63 -16.10 -2.18 5.36
N GLN A 64 -15.47 -1.35 6.18
CA GLN A 64 -14.93 -1.81 7.46
C GLN A 64 -16.03 -2.41 8.32
N ALA A 65 -17.27 -1.98 8.07
CA ALA A 65 -18.40 -2.48 8.84
C ALA A 65 -18.62 -3.99 8.62
N GLU A 66 -18.06 -4.53 7.53
CA GLU A 66 -18.21 -5.95 7.25
C GLU A 66 -17.41 -6.75 8.25
N ILE A 67 -16.46 -6.09 8.90
CA ILE A 67 -15.59 -6.74 9.86
C ILE A 67 -16.16 -6.72 11.28
N ALA A 68 -16.49 -7.91 11.79
CA ALA A 68 -17.03 -8.05 13.13
C ALA A 68 -16.26 -9.18 13.83
N GLU A 69 -16.59 -9.43 15.08
CA GLU A 69 -15.90 -10.47 15.83
C GLU A 69 -16.04 -11.85 15.17
N ASP A 70 -17.13 -12.06 14.44
CA ASP A 70 -17.37 -13.34 13.77
C ASP A 70 -16.92 -13.38 12.30
N THR A 71 -16.17 -12.37 11.87
CA THR A 71 -15.71 -12.33 10.49
C THR A 71 -14.40 -13.09 10.37
N SER A 72 -14.28 -13.91 9.33
CA SER A 72 -13.07 -14.69 9.11
C SER A 72 -11.92 -13.77 8.70
N PHE A 73 -10.70 -14.15 9.05
CA PHE A 73 -9.51 -13.37 8.74
C PHE A 73 -8.33 -14.30 8.64
N PHE A 74 -7.21 -13.77 8.14
CA PHE A 74 -5.98 -14.54 8.03
C PHE A 74 -5.03 -14.12 9.13
N GLY A 75 -4.45 -15.09 9.83
CA GLY A 75 -3.51 -14.78 10.87
C GLY A 75 -2.15 -14.55 10.21
N VAL A 76 -1.25 -13.86 10.89
CA VAL A 76 0.07 -13.61 10.34
C VAL A 76 1.08 -14.49 11.03
N GLN A 77 1.76 -15.33 10.25
CA GLN A 77 2.76 -16.24 10.78
C GLN A 77 4.11 -15.57 10.95
N GLU A 78 4.40 -14.60 10.09
CA GLU A 78 5.68 -13.92 10.18
C GLU A 78 5.67 -12.57 9.50
N ILE A 79 6.45 -11.64 10.06
CA ILE A 79 6.58 -10.31 9.52
C ILE A 79 8.01 -10.23 9.01
N ILE A 80 8.18 -9.94 7.73
CA ILE A 80 9.51 -9.83 7.16
C ILE A 80 9.76 -8.40 6.71
N ILE A 81 10.63 -7.71 7.46
CA ILE A 81 11.00 -6.33 7.19
C ILE A 81 12.35 -6.30 6.49
N HIS A 82 12.50 -5.44 5.48
CA HIS A 82 13.77 -5.32 4.76
C HIS A 82 14.87 -5.00 5.77
N ASP A 83 15.93 -5.80 5.78
CA ASP A 83 17.00 -5.59 6.75
C ASP A 83 17.66 -4.23 6.65
N GLN A 84 17.41 -3.52 5.54
CA GLN A 84 18.00 -2.20 5.38
C GLN A 84 17.05 -1.06 5.77
N TYR A 85 15.82 -1.42 6.12
CA TYR A 85 14.84 -0.42 6.51
C TYR A 85 15.17 0.25 7.84
N LYS A 86 14.93 1.55 7.92
CA LYS A 86 15.14 2.29 9.16
C LYS A 86 13.91 3.13 9.42
N MET A 87 13.47 3.85 8.39
CA MET A 87 12.28 4.67 8.49
C MET A 87 11.79 5.02 7.11
N ALA A 88 10.47 5.17 6.98
CA ALA A 88 9.83 5.48 5.71
C ALA A 88 10.60 6.45 4.83
N GLU A 89 10.86 7.63 5.37
CA GLU A 89 11.55 8.69 4.66
C GLU A 89 12.96 8.36 4.14
N SER A 90 13.55 7.29 4.65
CA SER A 90 14.89 6.90 4.22
C SER A 90 14.88 5.81 3.16
N GLY A 91 13.70 5.28 2.84
CA GLY A 91 13.64 4.23 1.83
C GLY A 91 13.53 2.82 2.40
N TYR A 92 13.52 1.83 1.51
CA TYR A 92 13.39 0.43 1.93
C TYR A 92 12.14 0.20 2.76
N ASP A 93 11.13 1.03 2.57
CA ASP A 93 9.90 0.91 3.33
C ASP A 93 9.03 -0.17 2.71
N ILE A 94 9.43 -1.43 2.95
CA ILE A 94 8.72 -2.57 2.41
C ILE A 94 8.78 -3.74 3.39
N ALA A 95 7.70 -4.51 3.45
CA ALA A 95 7.63 -5.66 4.35
C ALA A 95 6.75 -6.73 3.73
N LEU A 96 6.96 -7.97 4.15
CA LEU A 96 6.19 -9.10 3.67
C LEU A 96 5.52 -9.74 4.86
N LEU A 97 4.25 -10.11 4.69
CA LEU A 97 3.53 -10.78 5.76
C LEU A 97 3.23 -12.19 5.26
N LYS A 98 3.76 -13.18 5.97
CA LYS A 98 3.53 -14.57 5.60
C LYS A 98 2.29 -14.99 6.39
N LEU A 99 1.22 -15.30 5.68
CA LEU A 99 -0.03 -15.70 6.33
C LEU A 99 0.04 -17.11 6.91
N GLU A 100 -0.76 -17.36 7.94
CA GLU A 100 -0.78 -18.67 8.58
C GLU A 100 -1.51 -19.68 7.69
N THR A 101 -2.41 -19.20 6.85
CA THR A 101 -3.16 -20.06 5.95
C THR A 101 -3.17 -19.46 4.55
N THR A 102 -3.49 -20.29 3.57
CA THR A 102 -3.53 -19.86 2.18
C THR A 102 -4.83 -19.14 1.81
N VAL A 103 -4.70 -18.16 0.91
CA VAL A 103 -5.85 -17.40 0.43
C VAL A 103 -6.49 -18.12 -0.75
N ASN A 104 -7.78 -18.41 -0.67
CA ASN A 104 -8.47 -19.07 -1.79
C ASN A 104 -8.93 -17.95 -2.72
N TYR A 105 -8.28 -17.83 -3.88
CA TYR A 105 -8.62 -16.79 -4.82
C TYR A 105 -10.05 -16.81 -5.33
N ALA A 106 -10.57 -15.62 -5.62
CA ALA A 106 -11.92 -15.46 -6.14
C ALA A 106 -12.05 -14.04 -6.67
N ASP A 107 -13.20 -13.72 -7.24
CA ASP A 107 -13.43 -12.38 -7.78
C ASP A 107 -13.24 -11.30 -6.72
N SER A 108 -13.46 -11.66 -5.46
CA SER A 108 -13.33 -10.71 -4.37
C SER A 108 -11.92 -10.65 -3.77
N GLN A 109 -11.10 -11.66 -4.02
CA GLN A 109 -9.75 -11.66 -3.48
C GLN A 109 -8.77 -12.42 -4.36
N ARG A 110 -7.91 -11.68 -5.05
CA ARG A 110 -6.92 -12.28 -5.93
C ARG A 110 -5.64 -11.44 -5.91
N PRO A 111 -4.51 -12.02 -6.34
CA PRO A 111 -3.24 -11.31 -6.35
C PRO A 111 -3.01 -10.30 -7.47
N ILE A 112 -2.16 -9.32 -7.20
CA ILE A 112 -1.83 -8.33 -8.23
C ILE A 112 -0.42 -8.67 -8.68
N SER A 113 -0.20 -8.65 -9.99
CA SER A 113 1.11 -8.97 -10.52
C SER A 113 2.10 -7.87 -10.21
N LEU A 114 3.34 -8.26 -9.95
CA LEU A 114 4.41 -7.32 -9.67
C LEU A 114 4.95 -6.79 -11.01
N PRO A 115 5.54 -5.59 -11.00
CA PRO A 115 6.05 -5.08 -12.28
C PRO A 115 7.32 -5.81 -12.67
N SER A 116 7.61 -5.84 -13.96
CA SER A 116 8.82 -6.50 -14.45
C SER A 116 9.93 -5.48 -14.63
N LYS A 117 11.17 -5.92 -14.48
CA LYS A 117 12.32 -5.03 -14.62
C LYS A 117 12.32 -4.32 -15.96
N GLY A 118 11.64 -4.89 -16.95
CA GLY A 118 11.57 -4.27 -18.25
C GLY A 118 10.49 -3.22 -18.30
N ASP A 119 9.62 -3.21 -17.29
CA ASP A 119 8.53 -2.25 -17.21
C ASP A 119 9.03 -0.93 -16.64
N ARG A 120 10.33 -0.71 -16.74
CA ARG A 120 10.94 0.52 -16.23
C ARG A 120 10.86 1.65 -17.24
N ASN A 121 11.02 1.33 -18.51
CA ASN A 121 10.96 2.33 -19.55
C ASN A 121 9.52 2.51 -20.01
N VAL A 122 8.62 1.80 -19.35
CA VAL A 122 7.20 1.85 -19.66
C VAL A 122 6.48 2.98 -18.94
N ILE A 123 5.64 3.68 -19.67
CA ILE A 123 4.86 4.77 -19.11
C ILE A 123 3.54 4.20 -18.60
N TYR A 124 3.38 4.21 -17.28
CA TYR A 124 2.17 3.69 -16.67
C TYR A 124 1.00 4.64 -16.84
N THR A 125 -0.10 4.09 -17.31
CA THR A 125 -1.32 4.87 -17.52
C THR A 125 -2.37 4.28 -16.59
N ASP A 126 -3.26 5.13 -16.09
CA ASP A 126 -4.32 4.67 -15.22
C ASP A 126 -3.82 4.23 -13.84
N CYS A 127 -3.09 5.09 -13.16
CA CYS A 127 -2.58 4.73 -11.85
C CYS A 127 -3.54 5.21 -10.77
N TRP A 128 -3.85 4.34 -9.82
CA TRP A 128 -4.76 4.67 -8.74
C TRP A 128 -4.17 4.34 -7.36
N VAL A 129 -4.62 5.07 -6.35
CA VAL A 129 -4.19 4.85 -4.98
C VAL A 129 -5.46 4.58 -4.19
N THR A 130 -5.44 3.53 -3.38
CA THR A 130 -6.61 3.14 -2.61
C THR A 130 -6.34 2.88 -1.15
N GLY A 131 -7.39 2.94 -0.33
CA GLY A 131 -7.25 2.69 1.08
C GLY A 131 -8.40 3.24 1.91
N TRP A 132 -8.38 2.94 3.21
CA TRP A 132 -9.39 3.39 4.15
C TRP A 132 -8.83 4.52 5.04
N GLY A 133 -7.73 5.13 4.55
CA GLY A 133 -7.01 6.18 5.26
C GLY A 133 -7.78 7.44 5.49
N TYR A 134 -7.14 8.43 6.11
CA TYR A 134 -7.78 9.70 6.39
C TYR A 134 -8.26 10.42 5.15
N ARG A 135 -9.19 11.34 5.33
CA ARG A 135 -9.64 12.20 4.24
C ARG A 135 -9.04 13.60 4.41
N LYS A 136 -8.34 13.81 5.51
CA LYS A 136 -7.70 15.09 5.78
C LYS A 136 -6.67 15.01 6.90
N LEU A 137 -5.87 16.05 7.04
CA LEU A 137 -4.84 16.06 8.08
C LEU A 137 -5.32 15.39 9.37
N ARG A 138 -6.46 15.84 9.87
CA ARG A 138 -6.98 15.33 11.13
C ARG A 138 -8.35 14.69 11.01
N ASP A 139 -8.41 13.54 10.37
CA ASP A 139 -9.65 12.83 10.24
C ASP A 139 -9.61 11.46 10.93
N LYS A 140 -10.21 10.45 10.32
CA LYS A 140 -10.23 9.12 10.92
C LYS A 140 -10.47 8.02 9.88
N ILE A 141 -10.10 6.78 10.17
CA ILE A 141 -10.29 5.70 9.21
C ILE A 141 -11.67 5.76 8.55
N GLN A 142 -11.71 5.59 7.24
CA GLN A 142 -12.96 5.63 6.49
C GLN A 142 -13.60 4.25 6.39
N ASN A 143 -14.93 4.23 6.38
CA ASN A 143 -15.65 2.96 6.31
C ASN A 143 -15.53 2.29 4.94
N THR A 144 -15.79 3.05 3.89
CA THR A 144 -15.74 2.53 2.53
C THR A 144 -14.39 2.75 1.85
N LEU A 145 -13.84 1.68 1.27
CA LEU A 145 -12.56 1.78 0.57
C LEU A 145 -12.62 2.91 -0.44
N GLN A 146 -11.67 3.85 -0.34
CA GLN A 146 -11.61 5.00 -1.25
C GLN A 146 -10.60 4.80 -2.36
N LYS A 147 -10.83 5.46 -3.48
CA LYS A 147 -9.94 5.37 -4.63
C LYS A 147 -9.76 6.75 -5.25
N ALA A 148 -8.57 7.01 -5.78
CA ALA A 148 -8.27 8.28 -6.40
C ALA A 148 -7.26 8.06 -7.51
N LYS A 149 -7.54 8.63 -8.69
CA LYS A 149 -6.64 8.50 -9.82
C LYS A 149 -5.58 9.57 -9.66
N ILE A 150 -4.31 9.17 -9.70
CA ILE A 150 -3.21 10.09 -9.52
C ILE A 150 -2.05 9.80 -10.46
N PRO A 151 -1.61 10.81 -11.21
CA PRO A 151 -0.50 10.63 -12.15
C PRO A 151 0.85 10.49 -11.45
N LEU A 152 1.76 9.77 -12.09
CA LEU A 152 3.10 9.59 -11.59
C LEU A 152 3.91 10.82 -11.92
N VAL A 153 4.89 11.11 -11.08
CA VAL A 153 5.76 12.26 -11.32
C VAL A 153 7.20 11.75 -11.37
N THR A 154 8.02 12.37 -12.23
CA THR A 154 9.41 11.97 -12.35
C THR A 154 10.12 12.18 -11.02
N ASN A 155 11.19 11.42 -10.78
CA ASN A 155 11.95 11.54 -9.56
C ASN A 155 12.55 12.93 -9.43
N GLU A 156 13.05 13.46 -10.54
CA GLU A 156 13.66 14.78 -10.55
C GLU A 156 12.63 15.84 -10.15
N GLU A 157 11.40 15.65 -10.59
CA GLU A 157 10.33 16.58 -10.26
C GLU A 157 9.97 16.45 -8.78
N CYS A 158 9.91 15.21 -8.30
CA CYS A 158 9.58 14.94 -6.90
C CYS A 158 10.66 15.50 -6.00
N GLN A 159 11.91 15.31 -6.39
CA GLN A 159 13.03 15.80 -5.60
C GLN A 159 12.93 17.30 -5.36
N LYS A 160 12.39 18.03 -6.34
CA LYS A 160 12.24 19.47 -6.21
C LYS A 160 11.21 19.82 -5.14
N ARG A 161 10.25 18.93 -4.93
CA ARG A 161 9.21 19.18 -3.94
C ARG A 161 9.64 18.76 -2.54
N TYR A 162 10.78 18.07 -2.46
CA TYR A 162 11.30 17.63 -1.17
C TYR A 162 12.79 17.90 -1.06
N ARG A 163 13.17 19.17 -1.05
CA ARG A 163 14.56 19.59 -0.95
C ARG A 163 15.24 19.05 0.29
N GLY A 164 14.49 18.96 1.38
CA GLY A 164 15.07 18.45 2.61
C GLY A 164 15.26 16.95 2.62
N HIS A 165 14.73 16.27 1.61
CA HIS A 165 14.84 14.82 1.54
C HIS A 165 15.62 14.37 0.32
N LYS A 166 15.90 13.08 0.28
CA LYS A 166 16.61 12.53 -0.85
C LYS A 166 15.70 11.48 -1.50
N ILE A 167 15.11 11.83 -2.63
CA ILE A 167 14.23 10.92 -3.33
C ILE A 167 15.10 10.02 -4.21
N THR A 168 15.27 8.77 -3.80
CA THR A 168 16.12 7.85 -4.55
C THR A 168 15.35 7.12 -5.64
N HIS A 169 16.06 6.35 -6.46
CA HIS A 169 15.41 5.61 -7.53
C HIS A 169 14.58 4.44 -6.99
N LYS A 170 14.69 4.20 -5.68
CA LYS A 170 13.93 3.13 -5.07
C LYS A 170 12.61 3.69 -4.55
N MET A 171 12.34 4.94 -4.92
CA MET A 171 11.10 5.59 -4.53
C MET A 171 10.45 6.09 -5.80
N ILE A 172 9.13 6.26 -5.74
CA ILE A 172 8.38 6.76 -6.88
C ILE A 172 7.30 7.63 -6.28
N CYS A 173 7.06 8.80 -6.89
CA CYS A 173 6.05 9.72 -6.37
C CYS A 173 4.89 9.88 -7.33
N ALA A 174 3.80 10.40 -6.82
CA ALA A 174 2.59 10.60 -7.61
C ALA A 174 1.70 11.66 -6.97
N GLY A 175 1.24 12.59 -7.79
CA GLY A 175 0.39 13.65 -7.28
C GLY A 175 0.15 14.72 -8.33
N TYR A 176 -0.67 15.70 -7.98
CA TYR A 176 -0.99 16.81 -8.86
C TYR A 176 -0.27 18.05 -8.37
N ARG A 177 0.26 18.83 -9.30
CA ARG A 177 0.99 20.04 -8.97
C ARG A 177 0.17 20.87 -7.98
N GLU A 178 -1.14 20.86 -8.15
CA GLU A 178 -2.04 21.63 -7.30
C GLU A 178 -2.64 20.82 -6.14
N GLY A 179 -2.18 19.59 -5.95
CA GLY A 179 -2.69 18.78 -4.87
C GLY A 179 -4.15 18.40 -5.04
N GLY A 180 -4.84 18.12 -3.94
CA GLY A 180 -6.25 17.76 -4.02
C GLY A 180 -6.53 16.27 -3.92
N LYS A 181 -5.68 15.45 -4.51
CA LYS A 181 -5.86 14.00 -4.47
C LYS A 181 -4.55 13.38 -3.97
N ASP A 182 -4.64 12.54 -2.96
CA ASP A 182 -3.44 11.92 -2.41
C ASP A 182 -3.77 10.96 -1.28
N ALA A 183 -2.81 10.15 -0.89
CA ALA A 183 -3.01 9.21 0.19
C ALA A 183 -2.94 10.01 1.50
N CYS A 184 -3.42 9.43 2.59
CA CYS A 184 -3.35 10.12 3.87
C CYS A 184 -3.29 9.05 4.96
N LYS A 185 -2.99 9.45 6.19
CA LYS A 185 -2.84 8.50 7.31
C LYS A 185 -3.84 7.35 7.28
N GLY A 186 -3.33 6.13 7.24
CA GLY A 186 -4.20 4.97 7.21
C GLY A 186 -4.10 4.23 5.90
N ASP A 187 -3.55 4.87 4.88
CA ASP A 187 -3.44 4.26 3.57
C ASP A 187 -2.09 3.58 3.42
N SER A 188 -1.18 3.84 4.37
CA SER A 188 0.17 3.27 4.37
C SER A 188 0.06 1.77 4.09
N GLY A 189 1.03 1.20 3.39
CA GLY A 189 0.99 -0.23 3.09
C GLY A 189 0.09 -0.44 1.89
N GLY A 190 -0.77 0.54 1.63
CA GLY A 190 -1.67 0.45 0.49
C GLY A 190 -0.93 0.33 -0.82
N PRO A 191 -1.50 -0.37 -1.79
CA PRO A 191 -0.87 -0.54 -3.10
C PRO A 191 -1.11 0.62 -4.06
N LEU A 192 -0.13 0.85 -4.92
CA LEU A 192 -0.26 1.90 -5.93
C LEU A 192 -0.50 1.15 -7.23
N SER A 193 -1.71 0.64 -7.39
CA SER A 193 -2.08 -0.11 -8.59
C SER A 193 -1.96 0.73 -9.86
N CYS A 194 -1.35 0.16 -10.89
CA CYS A 194 -1.21 0.88 -12.15
C CYS A 194 -1.47 -0.04 -13.33
N LYS A 195 -2.20 0.48 -14.29
CA LYS A 195 -2.54 -0.29 -15.47
C LYS A 195 -1.50 -0.19 -16.56
N HIS A 196 -1.08 -1.34 -17.05
CA HIS A 196 -0.08 -1.38 -18.10
C HIS A 196 -0.45 -2.38 -19.18
N ASN A 197 -1.16 -1.91 -20.20
CA ASN A 197 -1.57 -2.77 -21.29
C ASN A 197 -2.68 -3.71 -20.92
N GLU A 198 -3.63 -3.21 -20.14
CA GLU A 198 -4.78 -4.00 -19.71
C GLU A 198 -4.49 -4.86 -18.50
N VAL A 199 -3.26 -4.82 -18.02
CA VAL A 199 -2.87 -5.61 -16.86
C VAL A 199 -2.50 -4.73 -15.68
N TRP A 200 -3.13 -5.01 -14.54
CA TRP A 200 -2.88 -4.24 -13.34
C TRP A 200 -1.54 -4.58 -12.73
N HIS A 201 -0.74 -3.56 -12.46
CA HIS A 201 0.58 -3.76 -11.88
C HIS A 201 0.74 -3.04 -10.55
N LEU A 202 1.43 -3.69 -9.62
CA LEU A 202 1.70 -3.10 -8.32
C LEU A 202 2.95 -2.24 -8.48
N VAL A 203 2.75 -0.97 -8.82
CA VAL A 203 3.85 -0.06 -9.01
C VAL A 203 4.49 0.45 -7.74
N GLY A 204 3.66 0.81 -6.75
CA GLY A 204 4.22 1.31 -5.52
C GLY A 204 3.44 0.96 -4.28
N ILE A 205 4.05 1.23 -3.13
CA ILE A 205 3.43 1.00 -1.83
C ILE A 205 3.39 2.33 -1.09
N THR A 206 2.21 2.74 -0.64
CA THR A 206 2.07 4.00 0.07
C THR A 206 3.07 4.05 1.23
N SER A 207 3.96 5.04 1.17
CA SER A 207 5.04 5.14 2.15
C SER A 207 5.08 6.42 3.01
N TRP A 208 5.11 7.59 2.37
CA TRP A 208 5.14 8.84 3.12
C TRP A 208 4.93 10.08 2.25
N GLY A 209 4.97 11.23 2.90
CA GLY A 209 4.79 12.51 2.24
C GLY A 209 4.67 13.60 3.29
N GLU A 210 4.44 14.84 2.86
CA GLU A 210 4.31 15.95 3.79
C GLU A 210 2.87 16.41 3.80
N GLY A 211 2.17 16.18 4.91
CA GLY A 211 0.78 16.56 4.97
C GLY A 211 -0.01 15.62 4.08
N CYS A 212 -1.19 16.05 3.64
CA CYS A 212 -2.03 15.24 2.76
C CYS A 212 -2.64 16.08 1.65
N ALA A 213 -2.37 15.70 0.40
CA ALA A 213 -2.92 16.38 -0.77
C ALA A 213 -2.54 17.85 -0.88
N GLN A 214 -1.47 18.26 -0.23
CA GLN A 214 -1.05 19.65 -0.33
C GLN A 214 -0.49 19.95 -1.70
N ARG A 215 -0.58 21.21 -2.11
CA ARG A 215 -0.04 21.62 -3.40
C ARG A 215 1.46 21.40 -3.43
N GLU A 216 1.98 20.96 -4.56
CA GLU A 216 3.41 20.72 -4.72
C GLU A 216 4.03 19.78 -3.69
N ARG A 217 3.26 18.78 -3.26
CA ARG A 217 3.72 17.79 -2.28
C ARG A 217 3.16 16.42 -2.67
N PRO A 218 3.78 15.78 -3.66
CA PRO A 218 3.42 14.47 -4.18
C PRO A 218 3.58 13.36 -3.14
N GLY A 219 2.73 12.35 -3.22
CA GLY A 219 2.85 11.24 -2.30
C GLY A 219 4.10 10.47 -2.69
N VAL A 220 4.78 9.89 -1.70
CA VAL A 220 5.98 9.12 -1.98
C VAL A 220 5.70 7.65 -1.75
N TYR A 221 6.07 6.82 -2.72
CA TYR A 221 5.81 5.39 -2.63
C TYR A 221 7.05 4.55 -2.87
N THR A 222 7.04 3.36 -2.29
CA THR A 222 8.15 2.44 -2.47
C THR A 222 8.08 1.97 -3.93
N ASN A 223 9.20 2.07 -4.64
CA ASN A 223 9.25 1.68 -6.04
C ASN A 223 9.38 0.16 -6.11
N VAL A 224 8.25 -0.52 -6.11
CA VAL A 224 8.23 -1.98 -6.10
C VAL A 224 9.13 -2.70 -7.11
N VAL A 225 9.19 -2.24 -8.35
CA VAL A 225 10.02 -2.92 -9.32
C VAL A 225 11.45 -3.11 -8.81
N GLU A 226 11.92 -2.18 -7.99
CA GLU A 226 13.27 -2.25 -7.42
C GLU A 226 13.44 -3.32 -6.34
N TYR A 227 12.35 -4.01 -5.99
CA TYR A 227 12.42 -5.03 -4.95
C TYR A 227 11.97 -6.42 -5.40
N VAL A 228 11.80 -6.62 -6.70
CA VAL A 228 11.36 -7.93 -7.17
C VAL A 228 12.36 -9.03 -6.79
N ASP A 229 13.65 -8.74 -6.82
CA ASP A 229 14.64 -9.73 -6.44
C ASP A 229 14.49 -10.02 -4.95
N TRP A 230 14.37 -8.97 -4.14
CA TRP A 230 14.21 -9.11 -2.71
C TRP A 230 12.95 -9.93 -2.39
N ILE A 231 11.85 -9.60 -3.03
CA ILE A 231 10.60 -10.32 -2.80
C ILE A 231 10.75 -11.80 -3.13
N LEU A 232 11.38 -12.10 -4.26
CA LEU A 232 11.60 -13.48 -4.66
C LEU A 232 12.42 -14.19 -3.59
N GLU A 233 13.52 -13.58 -3.19
CA GLU A 233 14.41 -14.17 -2.19
C GLU A 233 13.70 -14.47 -0.87
N LYS A 234 12.88 -13.53 -0.41
CA LYS A 234 12.18 -13.72 0.86
C LYS A 234 10.95 -14.64 0.81
N THR A 235 10.30 -14.72 -0.34
CA THR A 235 9.11 -15.57 -0.45
C THR A 235 9.42 -17.01 -0.86
N GLN A 236 10.63 -17.26 -1.34
CA GLN A 236 11.00 -18.61 -1.75
C GLN A 236 11.61 -19.37 -0.59
N ALA A 237 10.87 -20.34 -0.08
CA ALA A 237 11.32 -21.16 1.04
C ALA A 237 12.68 -21.79 0.75
S SO4 B . -10.48 -24.49 2.74
O1 SO4 B . -10.65 -23.31 3.62
O2 SO4 B . -10.10 -25.66 3.56
O3 SO4 B . -9.43 -24.23 1.75
O4 SO4 B . -11.76 -24.76 2.06
S SO4 C . 3.78 17.60 -8.12
O1 SO4 C . 2.84 17.41 -9.23
O2 SO4 C . 4.61 16.38 -8.02
O3 SO4 C . 4.67 18.75 -8.38
O4 SO4 C . 3.04 17.83 -6.87
S SO4 D . 4.16 -23.28 6.44
O1 SO4 D . 3.58 -24.43 5.72
O2 SO4 D . 4.37 -23.66 7.85
O3 SO4 D . 5.46 -22.93 5.85
O4 SO4 D . 3.22 -22.14 6.35
C BCT E . -11.16 -17.51 2.12
O1 BCT E . -11.59 -16.36 2.46
O2 BCT E . -9.93 -17.77 1.79
O3 BCT E . -12.04 -18.44 2.11
S SO4 F . -10.72 1.81 -12.69
O1 SO4 F . -9.33 2.10 -12.30
O2 SO4 F . -11.13 0.51 -12.11
O3 SO4 F . -10.81 1.74 -14.16
O4 SO4 F . -11.62 2.86 -12.17
S SO4 G . -3.66 8.20 -17.80
O1 SO4 G . -3.18 7.95 -19.18
O2 SO4 G . -2.61 7.78 -16.84
O3 SO4 G . -4.88 7.41 -17.54
O4 SO4 G . -3.96 9.63 -17.62
S SO4 H . 5.50 -14.21 -5.14
O1 SO4 H . 6.23 -13.26 -6.04
O2 SO4 H . 6.42 -15.28 -4.73
O3 SO4 H . 4.35 -14.80 -5.84
O4 SO4 H . 5.03 -13.50 -3.94
C01 412 I . 0.40 9.90 5.66
C02 412 I . 0.77 9.57 7.02
C03 412 I . 0.74 8.19 7.48
C04 412 I . 0.36 7.12 6.60
C05 412 I . -0.01 7.47 5.25
C06 412 I . 0.02 8.83 4.79
C07 412 I . 0.44 11.35 5.18
C08 412 I . 1.68 11.70 4.35
B 412 I . 0.33 5.64 7.04
O10 412 I . 1.01 5.36 8.28
C11 412 I . 0.10 4.73 9.13
C12 412 I . -1.00 4.24 8.23
O13 412 I . -1.01 5.16 7.16
C14 412 I . 0.73 3.60 9.94
O15 412 I . 1.76 4.09 10.75
N16 412 I . 1.65 10.96 3.09
C17 412 I . 0.97 11.45 1.93
N18 412 I . 0.99 10.77 0.84
N19 412 I . 0.28 12.67 1.97
#